data_4MOS
#
_entry.id   4MOS
#
_cell.length_a   102.423
_cell.length_b   102.423
_cell.length_c   119.033
_cell.angle_alpha   90.00
_cell.angle_beta   90.00
_cell.angle_gamma   90.00
#
_symmetry.space_group_name_H-M   'P 42 21 2'
#
loop_
_entity.id
_entity.type
_entity.pdbx_description
1 polymer 'Pyranose 2-oxidase'
2 non-polymer 'DIHYDROFLAVINE-ADENINE DINUCLEOTIDE'
3 non-polymer 2-deoxy-2-fluoro-alpha-D-galactopyranose
4 non-polymer 2-deoxy-2-fluoro-beta-D-galactopyranose
5 non-polymer '2-(N-MORPHOLINO)-ETHANESULFONIC ACID'
6 water water
#
_entity_poly.entity_id   1
_entity_poly.type   'polypeptide(L)'
_entity_poly.pdbx_seq_one_letter_code
;MATSSSDPFFNFAKSSFRSAAAQKASASSLPPLPGPDKKVPGMDIKYDVVIVGSGPIGCTYARELVGAGYKVAMFDIGEI
DSGLKIGAHKKNTVEYQKNIDKFVNVIQGQLMSVSVPVNTLVVDTLSPTSWQASTFFVRNGSNPEQDPLRNLSGQAVTRV
VGGMSTHWTCATPRFDREQRPLLVKDDADADDAEWDRLYTKAESYFQTGTDQFKESIRHNLVLNKLTEEYKGQRDFQQIP
LAATRRSPTFVEWSSANTVFDLQNRPNTDAPEERFNLFPAVACERVVRNALNSEIESLHIHDLISGDRFEIKADVYVLTA
GAVHNTQLLVNSGFGQLGRPNPANPPELLPSLGSYITEQSLVFCQTVMSTELIDSVKSDMTIRGTPGELTYSVTYTPGAS
TNKHPDWWNEKVKNHMMQHQEDPLPIPFEDPEPQVTTLFQPSHPWHTQIGRDAFSYGAVQQSIDSRLIVDWRFFGRTEPK
EENKLWFSDKITDAYNMPQPTFDFRFPAGRTSKEAEDMMTDMCVMSAKIGGFLPGSLPQFMEPGLCLHLGGTHRMGFDEK
EDNCCVNTDSRVFGFKNLFLGGCGNIPTAYGANPTLTAMSLAIKSCEYIKQNFTPSPFTSEAAAALEHHHHHH
;
_entity_poly.pdbx_strand_id   A
#
loop_
_chem_comp.id
_chem_comp.type
_chem_comp.name
_chem_comp.formula
2FG D-saccharide, beta linking 2-deoxy-2-fluoro-beta-D-galactopyranose 'C6 H11 F O5'
FDA non-polymer 'DIHYDROFLAVINE-ADENINE DINUCLEOTIDE' 'C27 H35 N9 O15 P2'
GAF D-saccharide, alpha linking 2-deoxy-2-fluoro-alpha-D-galactopyranose 'C6 H11 F O5'
MES non-polymer '2-(N-MORPHOLINO)-ETHANESULFONIC ACID' 'C6 H13 N O4 S'
#
# COMPACT_ATOMS: atom_id res chain seq x y z
N MET A 43 -6.54 26.12 -16.92
CA MET A 43 -6.05 26.45 -15.51
C MET A 43 -6.29 27.89 -15.08
N ASP A 44 -6.72 28.09 -13.83
CA ASP A 44 -7.07 29.43 -13.31
C ASP A 44 -5.96 29.73 -12.32
N ILE A 45 -5.83 30.96 -11.84
CA ILE A 45 -4.80 31.19 -10.79
C ILE A 45 -5.44 31.11 -9.40
N LYS A 46 -6.76 30.87 -9.36
CA LYS A 46 -7.56 30.83 -8.09
C LYS A 46 -8.62 29.70 -8.03
N TYR A 47 -8.47 28.87 -7.02
CA TYR A 47 -9.44 27.83 -6.67
C TYR A 47 -9.82 27.96 -5.15
N ASP A 48 -10.90 27.27 -4.77
CA ASP A 48 -11.28 27.10 -3.38
C ASP A 48 -10.31 26.19 -2.70
N VAL A 49 -9.99 25.05 -3.34
CA VAL A 49 -9.10 23.98 -2.77
C VAL A 49 -8.18 23.49 -3.82
N VAL A 50 -6.90 23.40 -3.47
CA VAL A 50 -5.93 22.75 -4.34
C VAL A 50 -5.41 21.51 -3.62
N ILE A 51 -5.31 20.44 -4.40
CA ILE A 51 -4.86 19.16 -3.94
C ILE A 51 -3.64 18.75 -4.74
N VAL A 52 -2.58 18.38 -4.02
CA VAL A 52 -1.34 17.96 -4.63
C VAL A 52 -1.32 16.42 -4.51
N GLY A 53 -1.45 15.74 -5.64
CA GLY A 53 -1.46 14.24 -5.69
C GLY A 53 -2.80 13.68 -6.02
N SER A 54 -2.84 12.73 -6.93
CA SER A 54 -4.07 12.06 -7.41
C SER A 54 -4.17 10.61 -6.96
N GLY A 55 -3.38 10.24 -5.95
CA GLY A 55 -3.60 8.91 -5.36
C GLY A 55 -4.92 8.78 -4.65
N PRO A 56 -5.11 7.64 -3.99
CA PRO A 56 -6.36 7.41 -3.36
C PRO A 56 -6.64 8.38 -2.19
N ILE A 57 -5.62 8.95 -1.54
CA ILE A 57 -5.91 9.90 -0.44
C ILE A 57 -6.29 11.26 -1.06
N GLY A 58 -5.54 11.76 -2.06
CA GLY A 58 -6.01 13.01 -2.75
C GLY A 58 -7.43 12.87 -3.26
N CYS A 59 -7.76 11.72 -3.83
CA CYS A 59 -9.09 11.48 -4.35
C CYS A 59 -10.12 11.38 -3.24
N THR A 60 -9.73 11.01 -1.99
CA THR A 60 -10.69 11.05 -0.85
C THR A 60 -11.08 12.53 -0.62
N TYR A 61 -10.08 13.41 -0.64
CA TYR A 61 -10.33 14.84 -0.44
C TYR A 61 -11.17 15.37 -1.61
N ALA A 62 -10.89 14.91 -2.84
CA ALA A 62 -11.72 15.38 -3.98
C ALA A 62 -13.12 14.93 -3.86
N ARG A 63 -13.30 13.66 -3.52
CA ARG A 63 -14.64 13.13 -3.44
C ARG A 63 -15.46 13.93 -2.45
N GLU A 64 -14.92 14.11 -1.26
CA GLU A 64 -15.62 14.84 -0.18
C GLU A 64 -15.87 16.30 -0.60
N LEU A 65 -14.89 16.97 -1.18
CA LEU A 65 -14.97 18.41 -1.32
C LEU A 65 -15.58 18.85 -2.66
N VAL A 66 -15.37 18.11 -3.74
CA VAL A 66 -16.04 18.39 -5.01
C VAL A 66 -17.51 18.19 -4.77
N GLY A 67 -17.81 17.18 -3.95
CA GLY A 67 -19.15 16.81 -3.64
C GLY A 67 -19.83 17.82 -2.75
N ALA A 68 -19.04 18.46 -1.91
CA ALA A 68 -19.58 19.52 -1.07
C ALA A 68 -19.67 20.90 -1.78
N GLY A 69 -19.30 20.98 -3.06
CA GLY A 69 -19.46 22.24 -3.82
C GLY A 69 -18.27 23.14 -3.90
N TYR A 70 -17.12 22.66 -3.46
CA TYR A 70 -15.98 23.49 -3.62
C TYR A 70 -15.46 23.49 -5.07
N LYS A 71 -14.82 24.60 -5.44
CA LYS A 71 -14.03 24.70 -6.68
C LYS A 71 -12.61 24.11 -6.48
N VAL A 72 -12.39 22.91 -6.99
CA VAL A 72 -11.20 22.08 -6.73
C VAL A 72 -10.33 21.93 -7.92
N ALA A 73 -9.03 22.08 -7.67
CA ALA A 73 -8.01 21.73 -8.62
C ALA A 73 -7.12 20.69 -7.96
N MET A 74 -6.70 19.75 -8.80
CA MET A 74 -5.82 18.69 -8.37
C MET A 74 -4.66 18.63 -9.36
N PHE A 75 -3.43 18.59 -8.83
CA PHE A 75 -2.25 18.52 -9.64
C PHE A 75 -1.56 17.18 -9.39
N ASP A 76 -1.07 16.57 -10.46
CA ASP A 76 -0.20 15.40 -10.28
C ASP A 76 0.99 15.53 -11.19
N ILE A 77 2.15 15.14 -10.65
CA ILE A 77 3.40 15.23 -11.36
C ILE A 77 3.43 14.19 -12.50
N GLY A 78 2.71 13.07 -12.28
CA GLY A 78 2.62 11.96 -13.24
C GLY A 78 1.48 12.17 -14.21
N GLU A 79 1.27 11.21 -15.10
CA GLU A 79 0.40 11.40 -16.25
C GLU A 79 -0.74 10.36 -16.29
N ILE A 80 -1.77 10.62 -17.08
CA ILE A 80 -2.84 9.64 -17.27
C ILE A 80 -2.29 8.48 -18.12
N ASP A 81 -2.31 7.28 -17.60
CA ASP A 81 -1.83 6.08 -18.33
C ASP A 81 -2.51 4.74 -17.78
N SER A 82 -3.82 4.76 -17.50
CA SER A 82 -4.60 3.54 -17.04
C SER A 82 -5.78 3.24 -17.97
N GLY A 83 -5.87 3.87 -19.15
CA GLY A 83 -7.12 3.80 -19.91
C GLY A 83 -8.08 5.01 -19.68
N LEU A 84 -9.30 4.91 -20.19
CA LEU A 84 -10.25 6.03 -20.17
C LEU A 84 -10.91 6.25 -18.79
N LYS A 85 -10.86 5.24 -17.95
CA LYS A 85 -11.14 5.37 -16.53
C LYS A 85 -9.93 5.89 -15.82
N ILE A 86 -9.95 7.19 -15.53
CA ILE A 86 -8.74 7.85 -15.10
C ILE A 86 -8.33 7.43 -13.71
N GLY A 87 -7.05 7.02 -13.56
CA GLY A 87 -6.59 6.58 -12.24
C GLY A 87 -7.02 5.18 -11.79
N ALA A 88 -7.46 4.33 -12.71
CA ALA A 88 -8.03 3.03 -12.36
C ALA A 88 -6.94 1.99 -12.21
N HIS A 89 -7.31 0.84 -11.67
CA HIS A 89 -6.33 -0.22 -11.44
C HIS A 89 -5.86 -0.87 -12.75
N LYS A 90 -4.54 -0.95 -12.93
CA LYS A 90 -4.01 -1.50 -14.19
C LYS A 90 -4.25 -2.99 -14.40
N LYS A 91 -4.63 -3.64 -13.29
CA LYS A 91 -4.93 -5.09 -13.28
C LYS A 91 -6.27 -5.39 -13.86
N ASN A 92 -7.13 -4.40 -14.05
CA ASN A 92 -8.46 -4.63 -14.54
C ASN A 92 -8.56 -4.72 -16.07
N THR A 93 -7.65 -5.35 -16.71
CA THR A 93 -7.89 -5.64 -18.14
C THR A 93 -8.14 -7.13 -18.19
N VAL A 94 -8.91 -7.52 -19.19
CA VAL A 94 -9.12 -8.93 -19.47
C VAL A 94 -7.80 -9.67 -19.63
N GLU A 95 -6.85 -9.00 -20.30
CA GLU A 95 -5.61 -9.64 -20.63
C GLU A 95 -4.83 -9.90 -19.34
N TYR A 96 -4.81 -8.95 -18.39
CA TYR A 96 -4.00 -9.23 -17.14
C TYR A 96 -4.66 -10.28 -16.32
N GLN A 97 -6.00 -10.32 -16.34
CA GLN A 97 -6.58 -11.34 -15.53
C GLN A 97 -6.57 -12.71 -16.15
N LYS A 98 -6.28 -12.80 -17.43
CA LYS A 98 -5.99 -14.11 -18.01
C LYS A 98 -4.50 -14.41 -17.89
N ASN A 99 -3.67 -13.45 -17.55
CA ASN A 99 -2.21 -13.70 -17.51
C ASN A 99 -1.57 -12.99 -16.29
N ILE A 100 -2.08 -13.30 -15.12
CA ILE A 100 -1.78 -12.53 -13.92
C ILE A 100 -0.30 -12.55 -13.56
N ASP A 101 0.46 -13.59 -13.97
CA ASP A 101 1.87 -13.64 -13.74
C ASP A 101 2.67 -12.52 -14.40
N LYS A 102 2.08 -11.86 -15.40
CA LYS A 102 2.75 -10.75 -16.04
C LYS A 102 2.65 -9.43 -15.27
N PHE A 103 1.68 -9.36 -14.34
CA PHE A 103 1.41 -8.08 -13.69
C PHE A 103 2.56 -7.62 -12.80
N VAL A 104 3.33 -8.53 -12.26
CA VAL A 104 4.54 -8.13 -11.49
C VAL A 104 5.36 -7.10 -12.27
N ASN A 105 5.49 -7.26 -13.61
CA ASN A 105 6.32 -6.39 -14.40
C ASN A 105 5.75 -4.98 -14.47
N VAL A 106 4.44 -4.87 -14.49
CA VAL A 106 3.77 -3.54 -14.43
C VAL A 106 4.07 -2.81 -13.10
N ILE A 107 4.03 -3.53 -12.00
CA ILE A 107 4.38 -2.98 -10.71
C ILE A 107 5.86 -2.52 -10.75
N GLN A 108 6.78 -3.40 -11.13
CA GLN A 108 8.21 -3.06 -11.12
C GLN A 108 8.53 -1.86 -12.03
N GLY A 109 7.72 -1.67 -13.08
CA GLY A 109 7.87 -0.62 -14.06
C GLY A 109 7.47 0.72 -13.51
N GLN A 110 6.73 0.77 -12.41
CA GLN A 110 6.45 2.05 -11.85
C GLN A 110 6.84 2.21 -10.42
N LEU A 111 7.85 1.48 -9.96
CA LEU A 111 8.40 1.67 -8.60
C LEU A 111 9.81 2.23 -8.74
N MET A 112 9.96 3.52 -8.50
CA MET A 112 11.22 4.21 -8.80
C MET A 112 11.90 4.36 -7.43
N SER A 113 13.09 3.82 -7.27
CA SER A 113 13.77 3.83 -5.99
C SER A 113 14.01 5.24 -5.39
N VAL A 114 13.69 5.38 -4.11
CA VAL A 114 13.83 6.68 -3.38
C VAL A 114 15.31 7.12 -3.20
N SER A 115 16.14 6.22 -2.63
CA SER A 115 17.51 6.56 -2.38
C SER A 115 18.42 5.33 -2.61
N VAL A 116 19.28 5.47 -3.59
CA VAL A 116 20.19 4.42 -3.98
C VAL A 116 21.60 4.84 -3.58
N PRO A 117 22.25 4.03 -2.77
CA PRO A 117 23.62 4.40 -2.39
C PRO A 117 24.64 4.21 -3.49
N VAL A 118 25.82 4.72 -3.26
CA VAL A 118 26.90 4.55 -4.24
C VAL A 118 27.24 3.08 -4.27
N ASN A 119 27.37 2.56 -5.47
CA ASN A 119 27.66 1.14 -5.71
C ASN A 119 29.17 0.82 -5.58
N THR A 120 29.52 -0.22 -4.85
CA THR A 120 30.92 -0.46 -4.61
C THR A 120 31.32 -1.89 -5.09
N LEU A 121 30.49 -2.52 -5.95
CA LEU A 121 30.79 -3.88 -6.47
C LEU A 121 32.01 -3.83 -7.40
N VAL A 122 32.93 -4.77 -7.20
CA VAL A 122 34.13 -4.78 -8.00
C VAL A 122 33.82 -5.61 -9.24
N VAL A 123 33.97 -5.06 -10.43
CA VAL A 123 33.87 -5.85 -11.65
C VAL A 123 35.25 -5.84 -12.24
N ASP A 124 35.99 -6.94 -12.08
CA ASP A 124 37.40 -6.95 -12.56
C ASP A 124 37.68 -7.93 -13.75
N THR A 125 36.63 -8.36 -14.41
CA THR A 125 36.74 -9.18 -15.62
C THR A 125 36.44 -8.35 -16.86
N LEU A 126 36.64 -7.06 -16.77
CA LEU A 126 36.62 -6.19 -17.97
C LEU A 126 37.85 -6.38 -18.84
N SER A 127 37.70 -6.16 -20.13
CA SER A 127 38.80 -6.19 -21.03
C SER A 127 39.77 -5.10 -20.53
N PRO A 128 41.07 -5.33 -20.63
CA PRO A 128 42.03 -4.28 -20.33
C PRO A 128 41.92 -3.00 -21.14
N THR A 129 41.30 -3.05 -22.33
CA THR A 129 41.08 -1.82 -23.13
C THR A 129 39.94 -0.98 -22.63
N SER A 130 39.04 -1.51 -21.80
CA SER A 130 37.88 -0.81 -21.37
C SER A 130 38.29 0.26 -20.32
N TRP A 131 37.69 1.42 -20.47
CA TRP A 131 37.87 2.48 -19.45
C TRP A 131 37.32 2.04 -18.12
N GLN A 132 38.17 2.21 -17.11
CA GLN A 132 37.74 2.09 -15.74
C GLN A 132 38.27 3.20 -14.78
N ALA A 133 37.37 3.81 -13.97
CA ALA A 133 37.78 4.81 -12.94
C ALA A 133 38.55 4.06 -11.84
N SER A 134 39.28 4.83 -11.09
CA SER A 134 40.12 4.34 -10.03
C SER A 134 39.47 4.40 -8.63
N THR A 135 38.20 4.77 -8.58
CA THR A 135 37.40 4.89 -7.37
C THR A 135 35.95 4.52 -7.67
N PHE A 136 35.20 4.24 -6.62
CA PHE A 136 33.79 4.07 -6.72
C PHE A 136 33.07 5.44 -6.63
N PHE A 137 33.00 6.12 -7.75
CA PHE A 137 32.50 7.45 -7.80
C PHE A 137 31.00 7.50 -7.88
N VAL A 138 30.43 8.69 -7.70
CA VAL A 138 29.01 8.78 -7.75
C VAL A 138 28.45 8.60 -9.17
N ARG A 139 27.69 7.56 -9.39
CA ARG A 139 27.34 7.05 -10.75
C ARG A 139 25.85 6.69 -10.78
N ASN A 140 25.24 6.72 -11.98
CA ASN A 140 23.98 6.03 -12.24
C ASN A 140 22.84 6.41 -11.28
N GLY A 141 22.76 7.68 -10.99
CA GLY A 141 21.68 8.22 -10.13
C GLY A 141 21.83 7.96 -8.64
N SER A 142 22.97 7.41 -8.21
N SER A 142 22.98 7.42 -8.21
CA SER A 142 23.14 7.14 -6.77
CA SER A 142 23.22 7.15 -6.79
C SER A 142 23.20 8.44 -6.00
C SER A 142 23.21 8.45 -5.99
N ASN A 143 22.71 8.35 -4.76
CA ASN A 143 22.71 9.41 -3.78
C ASN A 143 23.95 9.32 -2.91
N PRO A 144 24.92 10.23 -3.07
CA PRO A 144 26.13 10.19 -2.22
C PRO A 144 25.91 10.46 -0.75
N GLU A 145 24.79 11.08 -0.41
CA GLU A 145 24.47 11.30 0.98
C GLU A 145 24.08 10.02 1.76
N GLN A 146 23.70 8.94 1.05
CA GLN A 146 22.97 7.84 1.66
C GLN A 146 23.95 6.82 2.22
N ASP A 147 23.89 6.67 3.51
CA ASP A 147 24.68 5.56 4.14
C ASP A 147 23.98 4.25 3.70
N PRO A 148 24.70 3.38 2.99
CA PRO A 148 24.06 2.16 2.55
C PRO A 148 23.57 1.23 3.64
N LEU A 149 24.10 1.34 4.84
CA LEU A 149 23.78 0.49 5.96
C LEU A 149 22.71 1.13 6.87
N ARG A 150 22.21 2.32 6.51
CA ARG A 150 21.08 2.97 7.25
C ARG A 150 19.98 3.43 6.32
N ASN A 151 19.69 2.55 5.37
CA ASN A 151 18.79 2.86 4.26
C ASN A 151 17.51 2.12 4.35
N LEU A 152 16.52 2.59 3.57
CA LEU A 152 15.40 1.77 3.23
C LEU A 152 15.55 1.56 1.74
N SER A 153 16.34 0.54 1.35
CA SER A 153 16.69 0.36 -0.02
C SER A 153 15.50 -0.02 -0.91
N GLY A 154 14.52 -0.69 -0.35
CA GLY A 154 13.35 -1.03 -1.07
C GLY A 154 12.26 0.01 -1.19
N GLN A 155 12.36 1.12 -0.47
CA GLN A 155 11.50 2.25 -0.72
C GLN A 155 11.48 2.76 -2.17
N ALA A 156 10.25 2.95 -2.68
CA ALA A 156 10.07 3.39 -3.99
C ALA A 156 8.86 4.28 -4.05
N VAL A 157 8.81 5.11 -5.09
CA VAL A 157 7.66 5.95 -5.34
C VAL A 157 7.09 5.71 -6.78
N THR A 158 5.81 6.07 -6.95
CA THR A 158 5.09 5.91 -8.16
C THR A 158 4.48 7.24 -8.60
N ARG A 159 4.89 7.68 -9.78
CA ARG A 159 4.39 8.95 -10.29
C ARG A 159 3.53 8.69 -11.53
N VAL A 160 2.21 8.53 -11.30
CA VAL A 160 1.25 8.27 -12.39
C VAL A 160 -0.09 8.78 -11.79
N VAL A 161 -1.05 9.17 -12.61
CA VAL A 161 -2.32 9.56 -12.12
C VAL A 161 -2.95 8.32 -11.43
N GLY A 162 -3.43 8.52 -10.22
CA GLY A 162 -3.91 7.43 -9.36
C GLY A 162 -2.90 6.90 -8.37
N GLY A 163 -1.67 7.31 -8.51
CA GLY A 163 -0.62 6.91 -7.62
C GLY A 163 -0.45 5.41 -7.54
N MET A 164 -0.06 4.95 -6.37
CA MET A 164 0.20 3.50 -6.19
C MET A 164 -1.09 2.68 -6.21
N SER A 165 -2.26 3.33 -6.15
CA SER A 165 -3.50 2.61 -6.23
C SER A 165 -3.79 2.03 -7.61
N THR A 166 -2.97 2.41 -8.59
CA THR A 166 -3.00 1.82 -9.95
C THR A 166 -2.38 0.43 -10.01
N HIS A 167 -1.66 0.04 -8.83
CA HIS A 167 -1.09 -1.30 -8.96
C HIS A 167 -1.21 -2.14 -7.73
N TRP A 168 -1.80 -1.46 -6.55
CA TRP A 168 -1.84 -2.04 -5.23
C TRP A 168 -2.67 -3.35 -5.15
N THR A 169 -2.33 -4.12 -4.10
CA THR A 169 -3.00 -5.38 -3.71
C THR A 169 -4.44 -5.24 -3.22
N CYS A 170 -4.85 -4.04 -2.84
CA CYS A 170 -6.22 -3.72 -2.42
C CYS A 170 -6.63 -4.31 -1.05
N ALA A 171 -5.65 -4.72 -0.26
CA ALA A 171 -5.90 -5.14 1.11
C ALA A 171 -6.19 -3.96 2.01
N THR A 172 -7.37 -3.94 2.62
CA THR A 172 -7.83 -2.81 3.43
C THR A 172 -8.38 -3.28 4.80
N PRO A 173 -7.51 -3.80 5.66
CA PRO A 173 -7.80 -4.06 7.05
C PRO A 173 -7.94 -2.79 7.87
N ARG A 174 -8.83 -2.84 8.87
CA ARG A 174 -8.86 -1.89 9.99
C ARG A 174 -7.67 -2.13 10.96
N PHE A 175 -7.24 -1.09 11.64
CA PHE A 175 -6.31 -1.21 12.74
C PHE A 175 -7.15 -1.42 13.98
N ASP A 176 -6.66 -2.30 14.87
CA ASP A 176 -7.23 -2.45 16.21
C ASP A 176 -6.59 -1.34 17.07
N ARG A 177 -7.11 -1.12 18.28
CA ARG A 177 -6.63 -0.09 19.16
C ARG A 177 -5.15 0.00 19.31
N GLU A 178 -4.51 -1.16 19.42
CA GLU A 178 -3.09 -1.20 19.66
C GLU A 178 -2.20 -0.56 18.56
N GLN A 179 -2.64 -0.62 17.32
CA GLN A 179 -1.96 -0.02 16.21
C GLN A 179 -2.38 1.40 15.82
N ARG A 180 -3.40 1.92 16.45
CA ARG A 180 -4.18 3.01 15.87
C ARG A 180 -3.98 4.34 16.63
N PRO A 181 -3.73 5.47 15.91
CA PRO A 181 -3.69 6.71 16.68
C PRO A 181 -4.99 7.07 17.37
N LEU A 182 -4.90 7.78 18.48
CA LEU A 182 -6.09 8.25 19.18
C LEU A 182 -6.68 9.45 18.46
N LEU A 183 -8.00 9.42 18.28
CA LEU A 183 -8.72 10.59 17.76
C LEU A 183 -9.51 11.32 18.86
N VAL A 184 -9.79 10.64 19.98
CA VAL A 184 -10.38 11.27 21.17
C VAL A 184 -9.50 10.88 22.34
N LYS A 185 -9.02 11.81 23.17
CA LYS A 185 -8.29 11.29 24.35
C LYS A 185 -9.19 11.03 25.56
N ASP A 186 -8.70 10.16 26.44
CA ASP A 186 -9.40 9.79 27.66
C ASP A 186 -10.86 9.36 27.46
N ASP A 187 -11.21 8.77 26.30
CA ASP A 187 -12.51 8.17 26.17
C ASP A 187 -12.44 7.13 25.10
N ALA A 188 -12.09 5.93 25.55
CA ALA A 188 -11.85 4.87 24.61
C ALA A 188 -13.07 4.51 23.78
N ASP A 189 -14.27 4.61 24.37
CA ASP A 189 -15.46 4.15 23.66
C ASP A 189 -15.82 5.21 22.59
N ALA A 190 -15.57 6.49 22.85
CA ALA A 190 -15.86 7.51 21.86
C ALA A 190 -14.81 7.41 20.77
N ASP A 191 -13.57 7.13 21.12
CA ASP A 191 -12.54 6.94 20.09
C ASP A 191 -12.95 5.79 19.14
N ASP A 192 -13.38 4.65 19.71
CA ASP A 192 -13.77 3.46 18.95
C ASP A 192 -14.92 3.83 18.04
N ALA A 193 -15.91 4.54 18.57
CA ALA A 193 -17.08 5.01 17.78
C ALA A 193 -16.65 5.83 16.59
N GLU A 194 -15.72 6.77 16.81
CA GLU A 194 -15.29 7.69 15.77
C GLU A 194 -14.58 6.89 14.70
N TRP A 195 -13.65 6.01 15.13
CA TRP A 195 -13.00 5.19 14.10
C TRP A 195 -13.90 4.29 13.34
N ASP A 196 -14.92 3.74 14.01
CA ASP A 196 -15.86 2.85 13.33
C ASP A 196 -16.59 3.64 12.24
N ARG A 197 -17.08 4.80 12.57
CA ARG A 197 -17.82 5.58 11.59
C ARG A 197 -16.92 5.92 10.38
N LEU A 198 -15.67 6.37 10.64
CA LEU A 198 -14.76 6.74 9.60
C LEU A 198 -14.34 5.56 8.76
N TYR A 199 -14.03 4.44 9.39
CA TYR A 199 -13.64 3.23 8.60
C TYR A 199 -14.83 2.69 7.75
N THR A 200 -16.04 2.83 8.28
CA THR A 200 -17.20 2.30 7.57
C THR A 200 -17.36 3.12 6.27
N LYS A 201 -17.20 4.43 6.37
CA LYS A 201 -17.26 5.30 5.21
C LYS A 201 -16.14 5.04 4.21
N ALA A 202 -14.91 4.85 4.72
CA ALA A 202 -13.72 4.56 3.86
C ALA A 202 -13.95 3.25 3.12
N GLU A 203 -14.49 2.24 3.84
CA GLU A 203 -14.81 0.92 3.22
C GLU A 203 -15.86 1.09 2.15
N SER A 204 -16.82 1.98 2.36
CA SER A 204 -17.77 2.20 1.29
C SER A 204 -17.17 2.90 0.11
N TYR A 205 -16.29 3.86 0.34
CA TYR A 205 -15.57 4.46 -0.79
C TYR A 205 -14.72 3.45 -1.64
N PHE A 206 -14.00 2.54 -0.96
CA PHE A 206 -13.13 1.61 -1.63
C PHE A 206 -13.83 0.36 -2.08
N GLN A 207 -15.10 0.23 -1.75
CA GLN A 207 -15.85 -1.03 -1.96
C GLN A 207 -15.17 -2.28 -1.35
N THR A 208 -14.75 -2.13 -0.10
CA THR A 208 -14.13 -3.20 0.65
C THR A 208 -15.18 -4.31 0.90
N GLY A 209 -14.78 -5.55 0.70
CA GLY A 209 -15.64 -6.71 1.08
C GLY A 209 -14.77 -7.89 1.49
N THR A 210 -15.39 -8.95 1.99
CA THR A 210 -14.71 -10.14 2.52
C THR A 210 -15.34 -11.44 1.95
N ASP A 211 -16.01 -11.34 0.83
CA ASP A 211 -16.80 -12.43 0.25
C ASP A 211 -16.41 -12.78 -1.19
N GLN A 212 -15.46 -12.07 -1.78
CA GLN A 212 -15.10 -12.24 -3.19
C GLN A 212 -14.47 -13.60 -3.57
N PHE A 213 -13.91 -14.31 -2.58
CA PHE A 213 -13.18 -15.55 -2.80
C PHE A 213 -13.86 -16.71 -2.09
N LYS A 214 -15.13 -16.53 -1.74
CA LYS A 214 -15.76 -17.54 -0.87
C LYS A 214 -15.96 -18.89 -1.57
N GLU A 215 -15.99 -18.95 -2.90
CA GLU A 215 -16.18 -20.24 -3.52
C GLU A 215 -14.85 -20.87 -4.05
N SER A 216 -13.70 -20.40 -3.60
CA SER A 216 -12.44 -20.97 -4.05
C SER A 216 -12.14 -22.20 -3.20
N ILE A 217 -11.76 -23.30 -3.88
CA ILE A 217 -11.31 -24.50 -3.22
C ILE A 217 -10.02 -24.26 -2.48
N ARG A 218 -9.06 -23.63 -3.12
CA ARG A 218 -7.77 -23.29 -2.53
C ARG A 218 -7.88 -22.37 -1.34
N HIS A 219 -8.69 -21.34 -1.46
CA HIS A 219 -8.96 -20.49 -0.33
C HIS A 219 -9.44 -21.25 0.82
N ASN A 220 -10.48 -22.06 0.60
CA ASN A 220 -11.07 -22.82 1.65
C ASN A 220 -10.18 -23.82 2.25
N LEU A 221 -9.37 -24.49 1.40
CA LEU A 221 -8.47 -25.47 1.87
C LEU A 221 -7.49 -24.92 2.89
N VAL A 222 -6.90 -23.77 2.54
CA VAL A 222 -5.93 -23.13 3.39
C VAL A 222 -6.62 -22.57 4.64
N LEU A 223 -7.71 -21.85 4.45
CA LEU A 223 -8.40 -21.17 5.61
C LEU A 223 -8.82 -22.21 6.65
N ASN A 224 -9.43 -23.27 6.15
CA ASN A 224 -9.99 -24.27 7.05
C ASN A 224 -8.92 -24.99 7.83
N LYS A 225 -7.80 -25.24 7.18
CA LYS A 225 -6.73 -25.92 7.89
C LYS A 225 -6.19 -25.04 9.02
N LEU A 226 -5.90 -23.77 8.73
CA LEU A 226 -5.28 -22.89 9.71
C LEU A 226 -6.30 -22.69 10.82
N THR A 227 -7.55 -22.54 10.47
CA THR A 227 -8.43 -22.27 11.59
C THR A 227 -8.58 -23.47 12.55
N GLU A 228 -8.32 -24.69 12.06
CA GLU A 228 -8.40 -25.86 12.91
C GLU A 228 -7.19 -25.96 13.76
N GLU A 229 -6.05 -25.61 13.22
CA GLU A 229 -4.84 -25.88 13.95
C GLU A 229 -4.60 -24.86 15.05
N TYR A 230 -5.14 -23.65 14.96
CA TYR A 230 -4.85 -22.70 16.09
C TYR A 230 -5.91 -22.82 17.19
N LYS A 231 -7.04 -23.46 16.76
CA LYS A 231 -8.43 -23.15 17.19
C LYS A 231 -8.58 -22.75 18.64
N GLY A 232 -9.40 -21.75 18.89
CA GLY A 232 -9.62 -20.67 18.08
C GLY A 232 -8.95 -19.74 19.05
N GLN A 233 -7.62 -20.02 19.30
CA GLN A 233 -6.69 -19.01 19.80
C GLN A 233 -6.26 -18.00 18.78
N ARG A 234 -6.44 -18.28 17.49
CA ARG A 234 -6.41 -17.17 16.52
C ARG A 234 -7.54 -17.32 15.52
N ASP A 235 -8.08 -16.21 15.02
CA ASP A 235 -9.13 -16.27 14.02
C ASP A 235 -8.62 -15.90 12.65
N PHE A 236 -9.16 -16.61 11.63
CA PHE A 236 -8.76 -16.45 10.24
C PHE A 236 -10.00 -16.06 9.47
N GLN A 237 -9.82 -15.24 8.46
CA GLN A 237 -10.89 -14.75 7.64
C GLN A 237 -10.31 -14.45 6.29
N GLN A 238 -11.16 -14.10 5.34
CA GLN A 238 -10.64 -13.55 4.11
C GLN A 238 -10.02 -12.17 4.36
N ILE A 239 -8.91 -11.91 3.71
CA ILE A 239 -8.40 -10.54 3.61
C ILE A 239 -9.51 -9.58 3.16
N PRO A 240 -9.71 -8.49 3.90
CA PRO A 240 -10.67 -7.49 3.38
C PRO A 240 -10.08 -6.84 2.18
N LEU A 241 -10.81 -6.89 1.07
CA LEU A 241 -10.29 -6.38 -0.23
C LEU A 241 -11.19 -5.35 -0.83
N ALA A 242 -10.55 -4.31 -1.38
CA ALA A 242 -11.23 -3.22 -2.05
C ALA A 242 -11.37 -3.69 -3.49
N ALA A 243 -12.52 -4.29 -3.80
CA ALA A 243 -12.75 -5.07 -5.06
C ALA A 243 -14.19 -5.58 -5.14
N THR A 244 -14.73 -5.66 -6.36
CA THR A 244 -15.99 -6.31 -6.68
C THR A 244 -15.80 -7.35 -7.78
N ARG A 245 -16.17 -8.59 -7.50
CA ARG A 245 -16.18 -9.65 -8.47
C ARG A 245 -17.28 -9.39 -9.48
N ARG A 246 -16.91 -9.44 -10.75
CA ARG A 246 -17.83 -9.34 -11.89
C ARG A 246 -18.22 -10.70 -12.50
N SER A 247 -17.39 -11.72 -12.37
CA SER A 247 -17.67 -13.05 -12.91
C SER A 247 -16.78 -14.01 -12.19
N PRO A 248 -16.94 -15.31 -12.44
CA PRO A 248 -16.05 -16.30 -11.87
C PRO A 248 -14.57 -16.15 -12.15
N THR A 249 -14.22 -15.43 -13.21
CA THR A 249 -12.81 -15.28 -13.67
C THR A 249 -12.40 -13.78 -13.78
N PHE A 250 -13.22 -12.86 -13.31
CA PHE A 250 -12.83 -11.44 -13.38
C PHE A 250 -13.21 -10.68 -12.08
N VAL A 251 -12.22 -9.98 -11.52
CA VAL A 251 -12.46 -9.11 -10.34
C VAL A 251 -12.12 -7.68 -10.73
N GLU A 252 -13.03 -6.74 -10.46
CA GLU A 252 -12.72 -5.30 -10.61
C GLU A 252 -12.09 -4.78 -9.35
N TRP A 253 -10.78 -4.63 -9.36
CA TRP A 253 -10.02 -4.19 -8.23
C TRP A 253 -10.24 -2.72 -8.08
N SER A 254 -10.34 -2.25 -6.84
CA SER A 254 -10.60 -0.81 -6.65
C SER A 254 -9.28 -0.02 -6.75
N SER A 255 -9.40 1.28 -6.84
CA SER A 255 -8.33 2.21 -7.01
C SER A 255 -8.81 3.64 -6.64
N ALA A 256 -7.92 4.60 -6.82
CA ALA A 256 -8.24 6.03 -6.75
C ALA A 256 -9.51 6.31 -7.57
N ASN A 257 -9.63 5.68 -8.73
CA ASN A 257 -10.79 5.92 -9.64
C ASN A 257 -12.14 5.51 -8.97
N THR A 258 -12.14 4.42 -8.21
CA THR A 258 -13.29 3.98 -7.44
C THR A 258 -13.73 5.03 -6.42
N VAL A 259 -12.76 5.70 -5.81
CA VAL A 259 -13.00 6.77 -4.81
C VAL A 259 -13.60 8.06 -5.46
N PHE A 260 -12.92 8.50 -6.51
CA PHE A 260 -13.32 9.67 -7.31
C PHE A 260 -12.91 9.46 -8.75
N ASP A 261 -13.83 9.61 -9.68
CA ASP A 261 -13.56 9.25 -11.08
C ASP A 261 -12.60 10.14 -11.85
N LEU A 262 -12.27 11.29 -11.27
CA LEU A 262 -11.18 12.13 -11.76
C LEU A 262 -11.52 12.78 -13.09
N GLN A 263 -12.80 12.75 -13.48
CA GLN A 263 -13.25 13.50 -14.68
C GLN A 263 -13.45 14.97 -14.35
N ASN A 264 -13.08 15.85 -15.28
CA ASN A 264 -13.25 17.26 -15.00
C ASN A 264 -14.79 17.55 -14.91
N ARG A 265 -15.09 18.54 -14.10
CA ARG A 265 -16.45 18.97 -13.81
C ARG A 265 -16.50 20.49 -13.90
N PRO A 266 -17.64 21.05 -14.34
CA PRO A 266 -18.94 20.39 -14.62
C PRO A 266 -18.93 19.50 -15.84
N ASN A 267 -19.73 18.44 -15.77
CA ASN A 267 -19.90 17.52 -16.88
C ASN A 267 -21.34 17.05 -16.72
N THR A 268 -21.75 16.13 -17.57
CA THR A 268 -23.16 15.76 -17.69
C THR A 268 -23.68 15.01 -16.48
N ASP A 269 -22.85 14.15 -15.90
CA ASP A 269 -23.23 13.49 -14.65
C ASP A 269 -23.27 14.41 -13.45
N ALA A 270 -22.52 15.50 -13.49
CA ALA A 270 -22.32 16.34 -12.30
C ALA A 270 -22.28 17.79 -12.76
N PRO A 271 -23.42 18.33 -13.28
CA PRO A 271 -23.40 19.70 -13.84
C PRO A 271 -23.16 20.88 -12.88
N GLU A 272 -23.25 20.65 -11.56
CA GLU A 272 -23.08 21.76 -10.59
C GLU A 272 -21.80 21.57 -9.73
N GLU A 273 -20.96 20.61 -10.13
CA GLU A 273 -19.67 20.41 -9.49
C GLU A 273 -18.56 21.01 -10.34
N ARG A 274 -17.41 21.25 -9.72
CA ARG A 274 -16.28 21.96 -10.30
C ARG A 274 -15.01 21.27 -9.87
N PHE A 275 -14.36 20.62 -10.84
CA PHE A 275 -13.10 19.96 -10.64
C PHE A 275 -12.22 19.95 -11.88
N ASN A 276 -10.91 20.22 -11.74
CA ASN A 276 -9.95 20.05 -12.79
C ASN A 276 -8.76 19.26 -12.28
N LEU A 277 -8.38 18.27 -13.08
CA LEU A 277 -7.17 17.50 -12.92
C LEU A 277 -6.15 18.00 -13.91
N PHE A 278 -4.98 18.39 -13.39
CA PHE A 278 -3.83 18.82 -14.18
C PHE A 278 -2.67 17.87 -14.04
N PRO A 279 -2.57 16.88 -14.96
CA PRO A 279 -1.39 15.96 -14.89
C PRO A 279 -0.09 16.56 -15.41
N ALA A 280 1.03 15.87 -15.19
CA ALA A 280 2.37 16.36 -15.57
C ALA A 280 2.65 17.78 -15.02
N VAL A 281 2.23 18.07 -13.78
CA VAL A 281 2.52 19.37 -13.14
C VAL A 281 3.20 19.05 -11.82
N ALA A 282 4.50 19.35 -11.72
CA ALA A 282 5.31 19.16 -10.49
C ALA A 282 4.96 20.30 -9.55
N CYS A 283 4.47 19.97 -8.37
CA CYS A 283 4.22 20.96 -7.32
C CYS A 283 5.52 21.10 -6.52
N GLU A 284 6.04 22.33 -6.45
CA GLU A 284 7.43 22.53 -5.96
C GLU A 284 7.53 23.13 -4.53
N ARG A 285 6.60 24.04 -4.20
CA ARG A 285 6.65 24.84 -2.96
C ARG A 285 5.31 25.33 -2.58
N VAL A 286 4.97 25.34 -1.27
CA VAL A 286 3.90 26.17 -0.78
C VAL A 286 4.58 27.37 -0.14
N VAL A 287 3.93 28.51 -0.29
CA VAL A 287 4.45 29.79 0.16
C VAL A 287 3.81 30.15 1.51
N ARG A 288 4.64 30.21 2.52
CA ARG A 288 4.26 30.62 3.89
C ARG A 288 4.17 32.16 4.03
N ASN A 289 3.22 32.65 4.79
CA ASN A 289 3.35 34.01 5.40
C ASN A 289 4.49 34.12 6.46
N ALA A 290 4.68 35.34 6.97
CA ALA A 290 5.82 35.58 7.83
C ALA A 290 5.60 34.84 9.17
N LEU A 291 4.34 34.72 9.52
CA LEU A 291 3.98 34.29 10.86
C LEU A 291 3.93 32.77 10.92
N ASN A 292 3.95 32.13 9.75
CA ASN A 292 3.73 30.70 9.60
C ASN A 292 2.33 30.37 10.04
N SER A 293 1.36 31.18 9.63
CA SER A 293 -0.04 30.90 9.98
C SER A 293 -0.99 30.65 8.81
N GLU A 294 -0.49 30.83 7.59
CA GLU A 294 -1.32 30.67 6.40
C GLU A 294 -0.36 30.37 5.23
N ILE A 295 -0.85 29.54 4.32
CA ILE A 295 -0.26 29.33 3.02
C ILE A 295 -0.91 30.31 2.04
N GLU A 296 -0.07 30.98 1.23
CA GLU A 296 -0.55 32.07 0.35
C GLU A 296 -0.49 31.70 -1.13
N SER A 297 0.22 30.60 -1.46
CA SER A 297 0.11 30.05 -2.84
C SER A 297 0.91 28.79 -3.02
N LEU A 298 0.70 28.18 -4.18
CA LEU A 298 1.42 26.94 -4.54
C LEU A 298 2.20 27.21 -5.83
N HIS A 299 3.50 26.97 -5.79
CA HIS A 299 4.35 27.10 -6.96
C HIS A 299 4.33 25.74 -7.69
N ILE A 300 4.04 25.81 -9.00
CA ILE A 300 3.89 24.66 -9.88
C ILE A 300 4.73 24.82 -11.13
N HIS A 301 5.06 23.66 -11.75
CA HIS A 301 5.94 23.60 -12.87
C HIS A 301 5.33 22.65 -13.88
N ASP A 302 4.82 23.21 -15.00
CA ASP A 302 4.30 22.43 -16.10
C ASP A 302 5.40 21.71 -16.83
N LEU A 303 5.42 20.37 -16.70
CA LEU A 303 6.52 19.61 -17.21
C LEU A 303 6.53 19.44 -18.76
N ILE A 304 5.42 19.73 -19.41
CA ILE A 304 5.33 19.65 -20.89
C ILE A 304 5.90 20.96 -21.50
N SER A 305 5.24 22.10 -21.19
CA SER A 305 5.65 23.43 -21.68
C SER A 305 6.90 23.95 -20.99
N GLY A 306 7.14 23.51 -19.76
CA GLY A 306 8.27 24.04 -18.96
C GLY A 306 7.88 25.30 -18.15
N ASP A 307 6.71 25.86 -18.35
CA ASP A 307 6.39 27.14 -17.66
C ASP A 307 6.14 26.91 -16.17
N ARG A 308 6.39 27.97 -15.37
CA ARG A 308 6.14 27.91 -13.94
C ARG A 308 5.04 28.90 -13.65
N PHE A 309 4.14 28.55 -12.72
CA PHE A 309 3.04 29.39 -12.30
C PHE A 309 2.92 29.33 -10.77
N GLU A 310 2.08 30.22 -10.24
CA GLU A 310 1.74 30.22 -8.86
C GLU A 310 0.19 30.22 -8.79
N ILE A 311 -0.35 29.28 -8.02
CA ILE A 311 -1.77 29.06 -7.90
C ILE A 311 -2.20 29.41 -6.48
N LYS A 312 -3.29 30.15 -6.38
CA LYS A 312 -3.88 30.60 -5.12
C LYS A 312 -5.14 29.74 -4.78
N ALA A 313 -5.29 29.38 -3.51
CA ALA A 313 -6.42 28.55 -3.02
C ALA A 313 -6.82 29.09 -1.67
N ASP A 314 -8.07 28.93 -1.28
CA ASP A 314 -8.40 29.06 0.19
C ASP A 314 -7.78 27.95 1.06
N VAL A 315 -7.71 26.75 0.50
CA VAL A 315 -7.26 25.56 1.26
C VAL A 315 -6.26 24.80 0.40
N TYR A 316 -5.16 24.34 1.02
CA TYR A 316 -4.13 23.58 0.36
C TYR A 316 -4.00 22.19 1.03
N VAL A 317 -4.10 21.13 0.24
CA VAL A 317 -4.03 19.75 0.74
C VAL A 317 -2.86 19.03 0.07
N LEU A 318 -1.91 18.54 0.85
CA LEU A 318 -0.80 17.87 0.24
C LEU A 318 -1.04 16.37 0.45
N THR A 319 -1.18 15.62 -0.64
CA THR A 319 -1.38 14.16 -0.64
C THR A 319 -0.45 13.54 -1.71
N ALA A 320 0.84 13.81 -1.55
CA ALA A 320 1.88 13.43 -2.53
C ALA A 320 2.62 12.21 -2.18
N GLY A 321 2.16 11.59 -1.10
CA GLY A 321 2.73 10.37 -0.53
C GLY A 321 3.66 10.71 0.63
N ALA A 322 4.03 9.72 1.41
CA ALA A 322 4.81 9.95 2.60
C ALA A 322 6.20 10.55 2.37
N VAL A 323 6.93 10.13 1.32
CA VAL A 323 8.17 10.74 0.97
C VAL A 323 7.95 12.15 0.43
N HIS A 324 7.12 12.23 -0.59
CA HIS A 324 7.05 13.48 -1.32
C HIS A 324 6.28 14.61 -0.68
N ASN A 325 5.34 14.30 0.22
CA ASN A 325 4.78 15.43 1.06
C ASN A 325 5.90 16.11 1.86
N THR A 326 6.71 15.26 2.47
CA THR A 326 7.82 15.73 3.27
C THR A 326 8.76 16.58 2.45
N GLN A 327 9.11 16.09 1.24
CA GLN A 327 10.00 16.80 0.35
C GLN A 327 9.49 18.17 0.04
N LEU A 328 8.23 18.23 -0.33
CA LEU A 328 7.61 19.49 -0.70
C LEU A 328 7.66 20.51 0.52
N LEU A 329 7.41 19.96 1.70
CA LEU A 329 7.44 20.78 2.90
C LEU A 329 8.86 21.26 3.20
N VAL A 330 9.86 20.38 3.14
CA VAL A 330 11.22 20.80 3.40
C VAL A 330 11.64 21.85 2.35
N ASN A 331 11.21 21.68 1.10
CA ASN A 331 11.58 22.63 0.05
C ASN A 331 10.84 23.98 0.25
N SER A 332 9.85 24.00 1.13
CA SER A 332 9.05 25.21 1.38
C SER A 332 9.49 25.88 2.70
N GLY A 333 10.55 25.35 3.32
CA GLY A 333 11.05 25.97 4.57
C GLY A 333 10.57 25.36 5.88
N PHE A 334 9.83 24.25 5.81
CA PHE A 334 9.48 23.52 7.03
C PHE A 334 10.61 22.60 7.38
N GLY A 335 10.80 22.35 8.66
CA GLY A 335 11.86 21.47 9.07
C GLY A 335 13.21 22.05 8.69
N GLN A 336 14.10 21.18 8.28
CA GLN A 336 15.46 21.61 8.00
C GLN A 336 15.95 20.98 6.72
N LEU A 337 16.60 21.72 5.87
CA LEU A 337 17.25 21.16 4.69
C LEU A 337 18.64 20.69 5.08
N GLY A 338 19.10 19.56 4.54
CA GLY A 338 20.47 19.16 4.69
C GLY A 338 20.58 18.14 5.78
N ARG A 339 21.79 17.69 6.04
CA ARG A 339 22.02 16.58 6.94
C ARG A 339 21.62 17.12 8.33
N PRO A 340 20.86 16.32 9.12
CA PRO A 340 20.38 16.82 10.38
C PRO A 340 21.55 17.18 11.30
N ASN A 341 21.36 18.25 12.05
CA ASN A 341 22.38 18.93 12.83
C ASN A 341 21.75 19.34 14.14
N PRO A 342 22.00 18.57 15.22
CA PRO A 342 21.41 18.84 16.56
C PRO A 342 21.80 20.19 17.17
N ALA A 343 22.98 20.69 16.82
CA ALA A 343 23.45 22.03 17.20
C ALA A 343 22.63 23.18 16.60
N ASN A 344 21.72 22.86 15.67
CA ASN A 344 20.88 23.87 15.03
C ASN A 344 19.55 23.22 14.63
N PRO A 345 18.77 22.77 15.63
CA PRO A 345 17.50 22.11 15.33
C PRO A 345 16.55 23.05 14.61
N PRO A 346 15.64 22.49 13.79
CA PRO A 346 14.68 23.26 13.03
C PRO A 346 13.73 24.02 13.93
N GLU A 347 13.35 25.24 13.55
CA GLU A 347 12.41 26.04 14.32
C GLU A 347 10.96 25.74 13.91
N LEU A 348 10.73 25.43 12.64
CA LEU A 348 9.35 25.26 12.16
C LEU A 348 9.09 23.75 11.93
N LEU A 349 8.08 23.20 12.62
CA LEU A 349 7.80 21.71 12.60
C LEU A 349 9.05 20.85 12.77
N PRO A 350 9.69 20.95 13.92
CA PRO A 350 10.88 20.22 14.15
C PRO A 350 10.73 18.73 14.12
N SER A 351 9.52 18.17 14.29
CA SER A 351 9.37 16.70 14.21
C SER A 351 9.21 16.14 12.76
N LEU A 352 9.09 17.03 11.77
CA LEU A 352 8.86 16.63 10.39
C LEU A 352 10.04 15.78 9.91
N GLY A 353 9.82 14.59 9.35
CA GLY A 353 10.93 13.74 8.94
C GLY A 353 11.60 12.92 10.02
N SER A 354 11.13 13.02 11.27
CA SER A 354 11.66 12.21 12.35
C SER A 354 10.56 11.21 12.76
N TYR A 355 10.94 10.24 13.55
CA TYR A 355 9.97 9.20 13.96
C TYR A 355 9.40 8.37 12.82
N ILE A 356 10.12 8.28 11.71
CA ILE A 356 9.59 7.56 10.57
C ILE A 356 9.52 6.04 10.91
N THR A 357 8.54 5.38 10.33
CA THR A 357 8.26 3.99 10.55
C THR A 357 8.16 3.34 9.16
N GLU A 358 8.74 2.16 9.06
CA GLU A 358 8.49 1.27 7.98
C GLU A 358 8.48 -0.13 8.61
N GLN A 359 7.77 -1.04 7.98
CA GLN A 359 7.43 -2.30 8.56
C GLN A 359 8.48 -3.28 8.14
N SER A 360 8.83 -4.22 9.00
CA SER A 360 9.58 -5.41 8.52
C SER A 360 8.62 -6.34 7.76
N LEU A 361 9.09 -6.96 6.69
CA LEU A 361 8.30 -7.83 5.90
C LEU A 361 9.04 -9.16 5.71
N VAL A 362 8.39 -10.27 6.07
CA VAL A 362 8.93 -11.60 5.79
C VAL A 362 8.04 -12.29 4.75
N PHE A 363 8.65 -13.08 3.93
CA PHE A 363 8.04 -13.72 2.77
C PHE A 363 8.54 -15.16 2.59
N CYS A 364 7.64 -16.04 2.20
CA CYS A 364 8.00 -17.32 1.58
C CYS A 364 6.84 -17.74 0.71
N GLN A 365 7.10 -18.81 -0.03
CA GLN A 365 6.01 -19.57 -0.67
C GLN A 365 6.11 -21.01 -0.28
N THR A 366 4.97 -21.68 -0.30
CA THR A 366 4.87 -23.08 0.03
C THR A 366 4.26 -23.91 -1.11
N VAL A 367 4.49 -25.19 -1.06
CA VAL A 367 3.89 -26.20 -1.96
C VAL A 367 2.97 -27.09 -1.14
N MET A 368 1.69 -27.08 -1.53
CA MET A 368 0.63 -27.73 -0.78
C MET A 368 0.94 -29.16 -0.39
N SER A 369 0.65 -29.48 0.85
CA SER A 369 0.92 -30.83 1.34
C SER A 369 0.05 -31.92 0.69
N THR A 370 0.58 -33.11 0.70
CA THR A 370 -0.15 -34.28 0.23
C THR A 370 -1.42 -34.46 1.04
N GLU A 371 -1.31 -34.25 2.35
CA GLU A 371 -2.44 -34.26 3.26
C GLU A 371 -3.58 -33.40 2.76
N LEU A 372 -3.28 -32.15 2.45
CA LEU A 372 -4.33 -31.21 2.04
C LEU A 372 -4.88 -31.51 0.63
N ILE A 373 -3.99 -31.85 -0.31
CA ILE A 373 -4.42 -32.28 -1.65
C ILE A 373 -5.32 -33.55 -1.56
N ASP A 374 -4.91 -34.53 -0.77
CA ASP A 374 -5.80 -35.69 -0.61
C ASP A 374 -7.14 -35.33 0.03
N SER A 375 -7.11 -34.38 0.95
CA SER A 375 -8.34 -33.95 1.60
C SER A 375 -9.38 -33.38 0.66
N VAL A 376 -8.93 -32.74 -0.43
CA VAL A 376 -9.88 -32.18 -1.39
C VAL A 376 -10.86 -33.21 -1.93
N LYS A 377 -10.33 -34.41 -2.17
CA LYS A 377 -11.07 -35.54 -2.75
C LYS A 377 -11.48 -36.58 -1.69
N SER A 378 -11.48 -36.19 -0.41
CA SER A 378 -11.72 -37.18 0.65
C SER A 378 -13.14 -37.85 0.58
N ASP A 379 -14.11 -37.17 -0.01
CA ASP A 379 -15.44 -37.73 -0.12
C ASP A 379 -15.65 -38.63 -1.35
N MET A 380 -14.61 -38.74 -2.20
CA MET A 380 -14.70 -39.51 -3.44
C MET A 380 -14.34 -40.98 -3.25
N THR A 381 -15.09 -41.81 -3.99
CA THR A 381 -14.80 -43.18 -4.25
C THR A 381 -14.20 -43.15 -5.65
N ILE A 382 -12.97 -43.62 -5.67
CA ILE A 382 -12.10 -43.61 -6.82
C ILE A 382 -11.71 -45.04 -7.15
N ARG A 383 -12.08 -45.48 -8.33
CA ARG A 383 -11.78 -46.84 -8.74
C ARG A 383 -11.05 -46.86 -10.10
N GLY A 384 -10.14 -47.80 -10.25
CA GLY A 384 -9.27 -47.95 -11.40
C GLY A 384 -8.19 -46.87 -11.50
N THR A 385 -7.69 -46.67 -12.69
CA THR A 385 -6.51 -45.81 -12.95
C THR A 385 -6.86 -44.81 -14.05
N PRO A 386 -6.50 -43.53 -13.82
CA PRO A 386 -6.81 -42.43 -14.73
C PRO A 386 -6.42 -42.79 -16.14
N GLY A 387 -7.32 -42.52 -17.08
CA GLY A 387 -7.00 -42.74 -18.48
C GLY A 387 -7.44 -44.11 -18.98
N GLU A 388 -7.86 -45.02 -18.11
CA GLU A 388 -8.31 -46.33 -18.54
C GLU A 388 -9.84 -46.50 -18.45
N LEU A 389 -10.36 -47.52 -19.14
CA LEU A 389 -11.81 -47.67 -19.38
C LEU A 389 -12.66 -47.75 -18.08
N THR A 390 -12.06 -48.35 -17.05
CA THR A 390 -12.74 -48.62 -15.82
C THR A 390 -12.66 -47.50 -14.79
N TYR A 391 -11.84 -46.47 -15.00
CA TYR A 391 -11.69 -45.40 -14.05
C TYR A 391 -12.96 -44.65 -13.76
N SER A 392 -13.26 -44.50 -12.49
CA SER A 392 -14.34 -43.58 -12.11
C SER A 392 -14.10 -42.95 -10.73
N VAL A 393 -14.72 -41.77 -10.58
CA VAL A 393 -14.72 -40.99 -9.40
C VAL A 393 -16.19 -40.61 -9.12
N THR A 394 -16.67 -40.98 -7.95
CA THR A 394 -18.06 -40.71 -7.58
C THR A 394 -18.11 -40.21 -6.15
N TYR A 395 -19.20 -39.53 -5.79
CA TYR A 395 -19.48 -39.22 -4.39
C TYR A 395 -20.96 -39.33 -4.21
N THR A 396 -21.43 -39.27 -2.97
CA THR A 396 -22.89 -39.37 -2.73
C THR A 396 -23.34 -38.04 -2.25
N PRO A 397 -24.15 -37.33 -3.03
CA PRO A 397 -24.57 -36.06 -2.50
C PRO A 397 -25.35 -36.25 -1.14
N GLY A 398 -25.07 -35.35 -0.21
CA GLY A 398 -25.67 -35.36 1.12
C GLY A 398 -25.24 -36.46 2.10
N ALA A 399 -24.23 -37.28 1.81
CA ALA A 399 -23.83 -38.20 2.86
C ALA A 399 -23.45 -37.23 4.00
N SER A 400 -23.90 -37.57 5.21
CA SER A 400 -23.60 -36.78 6.41
C SER A 400 -22.19 -37.07 6.84
N THR A 401 -21.67 -38.14 6.26
CA THR A 401 -20.32 -38.53 6.39
C THR A 401 -19.37 -37.66 5.54
N ASN A 402 -19.90 -36.94 4.55
CA ASN A 402 -19.06 -36.12 3.66
C ASN A 402 -18.41 -35.00 4.45
N LYS A 403 -17.15 -34.71 4.14
CA LYS A 403 -16.45 -33.58 4.71
C LYS A 403 -16.80 -32.29 3.99
N HIS A 404 -17.24 -32.37 2.73
CA HIS A 404 -17.43 -31.17 1.94
C HIS A 404 -18.84 -31.20 1.44
N PRO A 405 -19.36 -30.03 1.11
CA PRO A 405 -20.73 -29.92 0.62
C PRO A 405 -20.77 -30.25 -0.83
N ASP A 406 -21.97 -30.33 -1.37
CA ASP A 406 -22.11 -30.88 -2.72
C ASP A 406 -21.43 -30.07 -3.79
N TRP A 407 -21.54 -28.75 -3.72
CA TRP A 407 -20.95 -27.90 -4.75
C TRP A 407 -19.42 -28.06 -4.89
N TRP A 408 -18.77 -28.36 -3.78
CA TRP A 408 -17.35 -28.67 -3.83
C TRP A 408 -17.10 -29.99 -4.52
N ASN A 409 -17.77 -31.02 -4.03
CA ASN A 409 -17.61 -32.37 -4.61
C ASN A 409 -17.98 -32.43 -6.08
N GLU A 410 -19.00 -31.69 -6.48
CA GLU A 410 -19.33 -31.59 -7.90
C GLU A 410 -18.17 -31.04 -8.75
N LYS A 411 -17.61 -29.92 -8.33
CA LYS A 411 -16.49 -29.31 -9.05
C LYS A 411 -15.32 -30.31 -9.11
N VAL A 412 -15.06 -30.97 -8.00
CA VAL A 412 -13.91 -31.86 -7.91
C VAL A 412 -14.12 -33.10 -8.81
N LYS A 413 -15.30 -33.69 -8.69
CA LYS A 413 -15.66 -34.86 -9.51
C LYS A 413 -15.54 -34.55 -11.01
N ASN A 414 -16.13 -33.45 -11.40
CA ASN A 414 -16.11 -33.07 -12.80
C ASN A 414 -14.71 -32.86 -13.30
N HIS A 415 -13.86 -32.27 -12.46
CA HIS A 415 -12.55 -31.96 -12.89
C HIS A 415 -11.78 -33.25 -12.99
N MET A 416 -11.94 -34.13 -12.02
CA MET A 416 -11.19 -35.41 -12.07
C MET A 416 -11.55 -36.33 -13.25
N MET A 417 -12.83 -36.34 -13.61
CA MET A 417 -13.34 -37.21 -14.65
C MET A 417 -13.08 -36.61 -16.02
N GLN A 418 -13.20 -35.28 -16.17
CA GLN A 418 -13.03 -34.63 -17.43
C GLN A 418 -11.57 -34.37 -17.80
N HIS A 419 -10.66 -34.47 -16.85
CA HIS A 419 -9.27 -34.14 -17.06
C HIS A 419 -8.45 -35.22 -16.42
N GLN A 420 -8.53 -36.43 -16.96
CA GLN A 420 -7.79 -37.55 -16.35
C GLN A 420 -6.26 -37.47 -16.57
N GLU A 421 -5.81 -36.62 -17.49
CA GLU A 421 -4.39 -36.38 -17.68
C GLU A 421 -3.84 -35.51 -16.54
N ASP A 422 -4.69 -34.82 -15.79
CA ASP A 422 -4.26 -33.95 -14.72
C ASP A 422 -4.29 -34.70 -13.38
N PRO A 423 -3.21 -34.61 -12.60
CA PRO A 423 -3.19 -35.43 -11.38
C PRO A 423 -3.74 -34.72 -10.15
N LEU A 424 -4.19 -33.48 -10.25
CA LEU A 424 -4.60 -32.73 -9.09
C LEU A 424 -6.12 -32.60 -9.09
N PRO A 425 -6.74 -32.59 -7.92
CA PRO A 425 -8.19 -32.51 -7.82
C PRO A 425 -8.76 -31.11 -7.79
N ILE A 426 -7.89 -30.12 -7.89
CA ILE A 426 -8.31 -28.74 -7.93
C ILE A 426 -8.63 -28.32 -9.38
N PRO A 427 -9.81 -27.72 -9.59
CA PRO A 427 -10.21 -27.21 -10.89
C PRO A 427 -9.27 -26.13 -11.41
N PHE A 428 -9.09 -26.10 -12.72
CA PHE A 428 -8.03 -25.24 -13.31
C PHE A 428 -8.20 -23.74 -13.07
N GLU A 429 -9.42 -23.25 -13.09
CA GLU A 429 -9.59 -21.81 -12.88
C GLU A 429 -9.98 -21.40 -11.45
N ASP A 430 -9.62 -22.23 -10.51
CA ASP A 430 -9.94 -22.01 -9.12
C ASP A 430 -9.23 -20.76 -8.66
N PRO A 431 -9.96 -19.78 -8.08
CA PRO A 431 -9.24 -18.61 -7.50
C PRO A 431 -8.24 -18.90 -6.37
N GLU A 432 -7.28 -17.97 -6.20
CA GLU A 432 -6.25 -18.09 -5.21
C GLU A 432 -6.85 -17.90 -3.82
N PRO A 433 -6.18 -18.43 -2.79
CA PRO A 433 -6.54 -18.06 -1.40
C PRO A 433 -6.31 -16.58 -1.15
N GLN A 434 -7.06 -16.05 -0.21
CA GLN A 434 -6.87 -14.69 0.24
C GLN A 434 -7.16 -14.64 1.72
N VAL A 435 -6.20 -15.12 2.49
CA VAL A 435 -6.38 -15.50 3.90
C VAL A 435 -5.53 -14.62 4.86
N THR A 436 -6.18 -14.17 5.94
CA THR A 436 -5.43 -13.48 6.99
C THR A 436 -5.84 -13.91 8.39
N THR A 437 -4.86 -13.85 9.27
CA THR A 437 -5.18 -13.67 10.67
C THR A 437 -4.66 -12.29 11.06
N LEU A 438 -5.60 -11.42 11.42
CA LEU A 438 -5.24 -10.05 11.75
C LEU A 438 -4.36 -9.92 13.02
N PHE A 439 -3.60 -8.85 13.03
CA PHE A 439 -2.81 -8.41 14.14
C PHE A 439 -3.56 -8.56 15.49
N GLN A 440 -2.89 -9.17 16.45
CA GLN A 440 -3.37 -9.18 17.85
C GLN A 440 -2.18 -9.07 18.79
N PRO A 441 -2.41 -8.64 20.05
CA PRO A 441 -1.33 -8.64 21.04
C PRO A 441 -0.44 -9.87 21.12
N SER A 442 -1.01 -11.04 21.06
CA SER A 442 -0.23 -12.27 21.15
C SER A 442 0.47 -12.58 19.79
N HIS A 443 0.02 -11.98 18.68
CA HIS A 443 0.74 -12.12 17.38
C HIS A 443 0.75 -10.78 16.67
N PRO A 444 1.63 -9.87 17.10
CA PRO A 444 1.53 -8.41 16.70
C PRO A 444 2.16 -8.18 15.33
N TRP A 445 1.55 -8.80 14.32
CA TRP A 445 1.95 -8.64 12.90
C TRP A 445 0.73 -8.87 12.05
N HIS A 446 0.70 -8.21 10.89
CA HIS A 446 -0.33 -8.50 9.91
C HIS A 446 0.18 -9.67 9.06
N THR A 447 -0.76 -10.40 8.52
CA THR A 447 -0.57 -11.60 7.66
C THR A 447 -1.42 -11.55 6.39
N GLN A 448 -0.82 -11.93 5.28
CA GLN A 448 -1.55 -12.14 4.01
C GLN A 448 -1.04 -13.42 3.39
N ILE A 449 -1.97 -14.35 3.14
CA ILE A 449 -1.65 -15.72 2.79
C ILE A 449 -2.44 -15.99 1.51
N GLY A 450 -1.74 -16.23 0.45
CA GLY A 450 -2.47 -16.35 -0.82
C GLY A 450 -1.67 -16.37 -2.09
N ARG A 451 -1.95 -15.42 -2.95
CA ARG A 451 -1.18 -15.24 -4.14
C ARG A 451 -1.22 -13.80 -4.36
N ASP A 452 -0.06 -13.24 -4.52
CA ASP A 452 0.04 -11.83 -4.65
C ASP A 452 0.60 -11.66 -6.02
N ALA A 453 0.14 -10.65 -6.78
CA ALA A 453 0.71 -10.45 -8.13
C ALA A 453 2.18 -10.00 -8.02
N PHE A 454 2.55 -9.38 -6.92
CA PHE A 454 3.91 -8.77 -6.82
C PHE A 454 4.90 -9.79 -6.34
N SER A 455 5.21 -10.67 -7.24
CA SER A 455 6.04 -11.78 -6.97
C SER A 455 7.42 -11.26 -6.75
N TYR A 456 8.14 -11.86 -5.80
CA TYR A 456 9.54 -11.50 -5.67
C TYR A 456 10.45 -12.57 -6.20
N GLY A 457 11.30 -12.14 -7.18
CA GLY A 457 12.25 -13.00 -7.85
C GLY A 457 11.71 -13.68 -9.10
N ALA A 458 12.47 -14.65 -9.63
CA ALA A 458 12.08 -15.39 -10.83
C ALA A 458 10.93 -16.36 -10.60
N VAL A 459 9.89 -16.29 -11.41
CA VAL A 459 8.77 -17.13 -11.09
C VAL A 459 9.00 -18.41 -11.86
N GLN A 460 9.33 -19.40 -11.06
CA GLN A 460 9.58 -20.74 -11.49
C GLN A 460 8.30 -21.39 -12.03
N GLN A 461 8.44 -22.12 -13.10
CA GLN A 461 7.31 -22.67 -13.72
C GLN A 461 7.19 -24.17 -13.57
N SER A 462 8.08 -24.82 -12.84
CA SER A 462 8.04 -26.27 -12.78
C SER A 462 6.93 -26.82 -11.86
N ILE A 463 6.63 -26.13 -10.78
CA ILE A 463 5.64 -26.57 -9.81
C ILE A 463 4.25 -26.03 -10.25
N ASP A 464 3.24 -26.89 -10.25
CA ASP A 464 1.91 -26.46 -10.64
C ASP A 464 1.44 -25.33 -9.75
N SER A 465 0.97 -24.22 -10.36
CA SER A 465 0.59 -23.04 -9.59
C SER A 465 -0.57 -23.25 -8.56
N ARG A 466 -1.42 -24.26 -8.78
CA ARG A 466 -2.52 -24.51 -7.84
C ARG A 466 -1.93 -24.99 -6.52
N LEU A 467 -0.67 -25.49 -6.54
CA LEU A 467 -0.08 -25.92 -5.28
C LEU A 467 0.53 -24.79 -4.43
N ILE A 468 0.72 -23.63 -5.05
CA ILE A 468 1.58 -22.59 -4.50
C ILE A 468 0.79 -21.58 -3.71
N VAL A 469 1.23 -21.31 -2.51
CA VAL A 469 0.64 -20.33 -1.62
C VAL A 469 1.75 -19.39 -1.10
N ASP A 470 1.49 -18.08 -1.17
CA ASP A 470 2.42 -17.01 -0.71
C ASP A 470 2.11 -16.67 0.71
N TRP A 471 3.12 -16.28 1.45
CA TRP A 471 3.02 -15.91 2.83
C TRP A 471 3.78 -14.61 2.99
N ARG A 472 3.07 -13.59 3.44
CA ARG A 472 3.70 -12.32 3.78
C ARG A 472 3.26 -11.90 5.17
N PHE A 473 4.21 -11.66 6.03
CA PHE A 473 3.94 -11.19 7.41
C PHE A 473 4.65 -9.82 7.60
N PHE A 474 3.91 -8.85 8.16
CA PHE A 474 4.27 -7.45 8.27
C PHE A 474 4.33 -7.05 9.78
N GLY A 475 5.48 -6.58 10.23
CA GLY A 475 5.78 -6.23 11.62
C GLY A 475 5.52 -4.77 11.87
N ARG A 476 5.22 -4.43 13.12
CA ARG A 476 5.10 -3.06 13.51
C ARG A 476 6.45 -2.48 13.98
N THR A 477 6.67 -1.23 13.64
CA THR A 477 7.94 -0.52 13.97
C THR A 477 7.70 0.64 14.93
N GLU A 478 8.38 0.60 16.10
CA GLU A 478 8.34 1.66 17.09
C GLU A 478 8.82 2.98 16.46
N PRO A 479 8.05 4.05 16.61
CA PRO A 479 8.58 5.37 16.18
C PRO A 479 9.72 5.82 17.08
N LYS A 480 10.79 6.32 16.48
CA LYS A 480 11.98 6.70 17.20
C LYS A 480 12.51 7.96 16.54
N GLU A 481 12.80 8.97 17.38
CA GLU A 481 13.35 10.25 16.89
C GLU A 481 14.52 10.15 15.91
N GLU A 482 15.43 9.21 16.19
CA GLU A 482 16.64 9.03 15.38
C GLU A 482 16.39 8.49 13.97
N ASN A 483 15.19 7.96 13.73
CA ASN A 483 14.85 7.36 12.42
C ASN A 483 14.26 8.50 11.58
N LYS A 484 14.99 8.89 10.53
CA LYS A 484 14.68 10.12 9.77
C LYS A 484 14.65 9.89 8.27
N LEU A 485 13.87 10.73 7.64
CA LEU A 485 13.93 11.01 6.24
C LEU A 485 14.31 12.52 6.17
N TRP A 486 15.40 12.78 5.46
CA TRP A 486 15.91 14.16 5.28
C TRP A 486 16.26 14.35 3.81
N PHE A 487 16.49 15.61 3.45
CA PHE A 487 16.63 16.07 2.07
C PHE A 487 17.91 16.87 1.90
N SER A 488 18.73 16.42 0.94
CA SER A 488 20.01 17.02 0.67
C SER A 488 19.94 18.46 0.29
N ASP A 489 20.93 19.22 0.74
CA ASP A 489 20.99 20.62 0.34
C ASP A 489 21.81 20.84 -0.88
N LYS A 490 22.41 19.76 -1.39
CA LYS A 490 23.40 19.76 -2.50
C LYS A 490 22.83 18.93 -3.66
N ILE A 491 22.45 17.68 -3.36
CA ILE A 491 22.00 16.73 -4.34
C ILE A 491 20.49 16.90 -4.64
N THR A 492 20.12 16.80 -5.91
CA THR A 492 18.70 16.82 -6.32
C THR A 492 18.27 15.50 -7.04
N ASP A 493 16.98 15.23 -6.96
CA ASP A 493 16.36 14.10 -7.67
C ASP A 493 16.12 14.46 -9.18
N ALA A 494 15.44 13.60 -9.91
CA ALA A 494 15.22 13.73 -11.34
C ALA A 494 14.32 14.89 -11.71
N TYR A 495 13.65 15.45 -10.70
CA TYR A 495 12.71 16.57 -10.87
C TYR A 495 13.30 17.82 -10.22
N ASN A 496 14.62 17.80 -10.04
CA ASN A 496 15.25 18.96 -9.49
C ASN A 496 14.83 19.38 -8.09
N MET A 497 14.33 18.44 -7.31
CA MET A 497 13.88 18.71 -5.95
C MET A 497 14.92 18.06 -5.02
N PRO A 498 15.03 18.56 -3.77
CA PRO A 498 16.08 18.05 -2.89
C PRO A 498 16.04 16.50 -2.73
N GLN A 499 17.22 15.90 -2.82
CA GLN A 499 17.27 14.45 -2.86
C GLN A 499 16.86 13.86 -1.49
N PRO A 500 15.86 12.98 -1.47
CA PRO A 500 15.56 12.22 -0.22
C PRO A 500 16.69 11.26 0.23
N THR A 501 16.95 11.23 1.54
CA THR A 501 18.01 10.41 2.16
C THR A 501 17.40 9.83 3.44
N PHE A 502 17.56 8.54 3.63
CA PHE A 502 17.08 7.88 4.83
C PHE A 502 18.27 7.73 5.81
N ASP A 503 17.94 7.85 7.10
CA ASP A 503 18.79 7.46 8.20
C ASP A 503 17.89 6.64 9.11
N PHE A 504 17.96 5.33 8.89
CA PHE A 504 17.00 4.42 9.42
C PHE A 504 17.64 3.11 9.79
N ARG A 505 17.29 2.64 11.00
CA ARG A 505 17.55 1.26 11.38
C ARG A 505 16.32 0.77 12.15
N PHE A 506 15.94 -0.49 11.99
CA PHE A 506 14.89 -1.04 12.83
C PHE A 506 15.30 -0.94 14.32
N PRO A 507 14.44 -0.34 15.14
CA PRO A 507 14.92 -0.13 16.51
C PRO A 507 15.23 -1.48 17.18
N ALA A 508 16.25 -1.47 18.02
CA ALA A 508 16.91 -2.71 18.54
C ALA A 508 16.16 -3.60 19.56
N GLY A 509 15.17 -3.03 20.27
CA GLY A 509 14.45 -3.76 21.35
C GLY A 509 13.21 -4.44 20.79
N ARG A 510 12.04 -4.01 21.22
CA ARG A 510 10.78 -4.66 20.84
C ARG A 510 10.59 -4.82 19.33
N THR A 511 10.84 -3.79 18.53
CA THR A 511 10.66 -3.94 17.11
C THR A 511 11.48 -5.12 16.53
N SER A 512 12.76 -5.25 16.92
CA SER A 512 13.59 -6.24 16.31
C SER A 512 13.21 -7.62 16.86
N LYS A 513 12.96 -7.69 18.17
CA LYS A 513 12.50 -8.94 18.80
C LYS A 513 11.21 -9.48 18.11
N GLU A 514 10.21 -8.64 17.97
CA GLU A 514 9.00 -9.04 17.27
C GLU A 514 9.24 -9.44 15.83
N ALA A 515 10.11 -8.75 15.11
CA ALA A 515 10.39 -9.05 13.67
C ALA A 515 10.90 -10.49 13.55
N GLU A 516 11.73 -10.87 14.49
CA GLU A 516 12.30 -12.21 14.40
C GLU A 516 11.23 -13.24 14.86
N ASP A 517 10.46 -12.92 15.90
CA ASP A 517 9.36 -13.76 16.29
C ASP A 517 8.36 -13.98 15.17
N MET A 518 8.14 -12.94 14.39
CA MET A 518 7.21 -12.94 13.27
C MET A 518 7.71 -13.87 12.17
N MET A 519 9.00 -13.81 11.87
CA MET A 519 9.59 -14.80 10.94
C MET A 519 9.37 -16.23 11.44
N THR A 520 9.65 -16.50 12.74
CA THR A 520 9.38 -17.80 13.30
C THR A 520 7.89 -18.19 13.14
N ASP A 521 7.01 -17.24 13.42
CA ASP A 521 5.60 -17.51 13.30
C ASP A 521 5.21 -17.94 11.88
N MET A 522 5.80 -17.31 10.88
CA MET A 522 5.42 -17.59 9.49
C MET A 522 5.98 -19.00 9.18
N CYS A 523 7.17 -19.33 9.65
CA CYS A 523 7.67 -20.69 9.43
C CYS A 523 6.77 -21.77 10.07
N VAL A 524 6.32 -21.53 11.29
CA VAL A 524 5.50 -22.48 12.02
C VAL A 524 4.09 -22.58 11.32
N MET A 525 3.51 -21.44 11.00
CA MET A 525 2.18 -21.41 10.40
C MET A 525 2.14 -21.99 8.98
N SER A 526 3.14 -21.66 8.19
CA SER A 526 3.21 -22.11 6.85
C SER A 526 3.29 -23.59 6.76
N ALA A 527 4.02 -24.22 7.71
CA ALA A 527 4.20 -25.65 7.70
C ALA A 527 2.90 -26.46 7.88
N LYS A 528 1.86 -25.84 8.37
CA LYS A 528 0.54 -26.44 8.42
C LYS A 528 -0.04 -26.71 7.03
N ILE A 529 0.38 -25.92 6.06
CA ILE A 529 -0.13 -25.97 4.73
C ILE A 529 0.75 -26.78 3.82
N GLY A 530 2.09 -26.66 3.97
CA GLY A 530 2.99 -27.30 3.11
C GLY A 530 4.43 -26.95 3.42
N GLY A 531 5.36 -27.51 2.68
CA GLY A 531 6.78 -27.12 2.82
C GLY A 531 7.16 -25.96 1.93
N PHE A 532 8.34 -25.38 2.19
CA PHE A 532 8.74 -24.20 1.43
C PHE A 532 9.02 -24.56 0.00
N LEU A 533 8.69 -23.63 -0.91
CA LEU A 533 9.11 -23.68 -2.33
C LEU A 533 10.52 -23.20 -2.55
N PRO A 534 11.39 -24.09 -3.06
CA PRO A 534 12.74 -23.70 -3.38
C PRO A 534 12.73 -22.47 -4.28
N GLY A 535 13.62 -21.52 -4.02
CA GLY A 535 13.59 -20.22 -4.71
C GLY A 535 12.76 -19.18 -4.01
N SER A 536 11.91 -19.60 -3.06
CA SER A 536 11.03 -18.68 -2.27
C SER A 536 11.12 -19.12 -0.79
N LEU A 537 12.33 -19.36 -0.33
CA LEU A 537 12.57 -19.80 1.05
C LEU A 537 12.26 -18.62 2.01
N PRO A 538 12.06 -18.87 3.29
CA PRO A 538 11.74 -17.76 4.17
C PRO A 538 12.85 -16.74 4.28
N GLN A 539 12.44 -15.47 4.15
CA GLN A 539 13.38 -14.41 4.08
C GLN A 539 12.79 -13.10 4.47
N PHE A 540 13.67 -12.23 4.95
CA PHE A 540 13.30 -10.80 5.09
C PHE A 540 13.43 -10.13 3.76
N MET A 541 12.46 -9.28 3.38
CA MET A 541 12.62 -8.51 2.15
C MET A 541 13.40 -7.24 2.40
N GLU A 542 13.87 -6.62 1.33
CA GLU A 542 14.67 -5.37 1.44
C GLU A 542 13.84 -4.35 2.22
N PRO A 543 14.45 -3.62 3.14
CA PRO A 543 13.76 -2.69 4.04
C PRO A 543 13.06 -1.67 3.20
N GLY A 544 11.77 -1.57 3.39
CA GLY A 544 10.98 -0.60 2.65
C GLY A 544 10.33 -1.08 1.39
N LEU A 545 10.65 -2.33 0.97
CA LEU A 545 9.84 -2.94 -0.13
C LEU A 545 8.37 -3.12 0.14
N CYS A 546 7.97 -3.19 1.41
CA CYS A 546 6.54 -3.25 1.73
C CYS A 546 5.77 -1.97 1.47
N LEU A 547 6.48 -0.85 1.31
CA LEU A 547 5.86 0.40 0.87
C LEU A 547 4.70 0.82 1.82
N HIS A 548 4.96 0.66 3.13
CA HIS A 548 4.02 1.10 4.20
C HIS A 548 4.60 2.21 5.12
N LEU A 549 5.47 3.03 4.56
CA LEU A 549 6.19 4.05 5.28
C LEU A 549 5.21 5.01 5.96
N GLY A 550 5.41 5.26 7.23
CA GLY A 550 4.56 6.20 7.90
C GLY A 550 5.35 7.17 8.74
N GLY A 551 4.63 8.04 9.43
CA GLY A 551 5.23 8.82 10.50
C GLY A 551 6.11 9.97 10.06
N THR A 552 6.17 10.24 8.75
CA THR A 552 7.03 11.29 8.20
C THR A 552 6.55 12.73 8.46
N HIS A 553 5.23 12.87 8.69
CA HIS A 553 4.59 14.13 9.03
C HIS A 553 3.46 13.85 10.04
N ARG A 554 3.87 13.30 11.17
CA ARG A 554 2.99 12.54 11.97
C ARG A 554 1.93 13.34 12.76
N MET A 555 0.83 12.69 13.04
CA MET A 555 -0.30 13.27 13.74
C MET A 555 -0.20 13.15 15.28
N GLY A 556 -0.73 14.15 15.98
CA GLY A 556 -0.93 14.00 17.43
C GLY A 556 -1.79 15.15 17.90
N PHE A 557 -2.02 15.20 19.23
CA PHE A 557 -2.77 16.29 19.85
C PHE A 557 -2.01 17.60 20.02
N ASP A 558 -0.75 17.50 20.36
CA ASP A 558 0.03 18.65 20.77
C ASP A 558 1.38 18.55 20.10
N GLU A 559 1.73 19.59 19.36
CA GLU A 559 2.94 19.57 18.55
C GLU A 559 4.14 19.15 19.38
N LYS A 560 4.31 19.75 20.55
CA LYS A 560 5.49 19.54 21.35
C LYS A 560 5.43 18.23 22.14
N GLU A 561 4.32 17.98 22.82
CA GLU A 561 4.17 16.81 23.72
C GLU A 561 4.07 15.48 23.03
N ASP A 562 3.40 15.47 21.87
CA ASP A 562 3.33 14.28 21.02
C ASP A 562 4.37 14.24 19.89
N ASN A 563 5.27 15.24 19.78
CA ASN A 563 6.36 15.26 18.79
C ASN A 563 5.79 15.03 17.38
N CYS A 564 4.95 15.94 16.95
CA CYS A 564 4.16 15.73 15.76
C CYS A 564 4.00 17.00 14.91
N CYS A 565 3.38 16.84 13.75
CA CYS A 565 3.31 17.85 12.70
C CYS A 565 1.91 18.29 12.34
N VAL A 566 0.95 17.39 12.49
CA VAL A 566 -0.44 17.71 12.22
C VAL A 566 -1.30 17.23 13.42
N ASN A 567 -2.41 17.91 13.59
CA ASN A 567 -3.42 17.60 14.62
C ASN A 567 -4.44 16.61 14.04
N THR A 568 -5.47 16.25 14.83
CA THR A 568 -6.36 15.18 14.43
C THR A 568 -7.32 15.51 13.27
N ASP A 569 -7.33 16.77 12.86
CA ASP A 569 -7.97 17.17 11.61
C ASP A 569 -7.01 17.16 10.41
N SER A 570 -5.80 16.69 10.66
CA SER A 570 -4.72 16.66 9.63
C SER A 570 -4.21 18.05 9.26
N ARG A 571 -4.55 19.05 10.08
CA ARG A 571 -4.06 20.40 9.89
C ARG A 571 -2.66 20.60 10.42
N VAL A 572 -1.80 21.24 9.62
CA VAL A 572 -0.46 21.51 10.08
C VAL A 572 -0.49 22.53 11.28
N PHE A 573 0.17 22.19 12.37
CA PHE A 573 0.15 23.06 13.58
C PHE A 573 0.51 24.47 13.23
N GLY A 574 -0.30 25.39 13.72
CA GLY A 574 -0.10 26.79 13.47
C GLY A 574 -0.66 27.35 12.18
N PHE A 575 -0.91 26.52 11.18
CA PHE A 575 -1.46 26.98 9.88
C PHE A 575 -2.98 26.84 9.81
N LYS A 576 -3.65 27.86 9.32
CA LYS A 576 -5.11 27.82 9.22
C LYS A 576 -5.64 26.98 8.07
N ASN A 577 -4.83 26.83 7.03
CA ASN A 577 -5.33 26.44 5.71
C ASN A 577 -4.43 25.40 5.01
N LEU A 578 -3.56 24.71 5.77
CA LEU A 578 -2.73 23.67 5.20
C LEU A 578 -3.04 22.31 5.87
N PHE A 579 -3.36 21.32 5.05
CA PHE A 579 -3.67 19.95 5.51
C PHE A 579 -2.77 18.97 4.78
N LEU A 580 -2.38 17.91 5.48
CA LEU A 580 -1.54 16.81 4.93
C LEU A 580 -2.39 15.51 5.01
N GLY A 581 -2.44 14.75 3.93
CA GLY A 581 -3.13 13.46 3.94
C GLY A 581 -2.13 12.36 3.56
N GLY A 582 -2.34 11.17 4.10
CA GLY A 582 -1.51 10.01 3.81
C GLY A 582 -0.95 9.30 5.02
N CYS A 583 -0.24 8.20 4.72
CA CYS A 583 0.33 7.33 5.73
C CYS A 583 1.35 8.09 6.56
N GLY A 584 1.92 9.15 6.00
CA GLY A 584 2.89 9.96 6.72
C GLY A 584 2.30 10.58 7.97
N ASN A 585 0.94 10.74 8.00
CA ASN A 585 0.24 11.11 9.25
C ASN A 585 0.22 10.07 10.37
N ILE A 586 0.31 8.76 10.04
CA ILE A 586 0.18 7.73 11.07
C ILE A 586 1.37 7.75 12.01
N PRO A 587 1.18 8.00 13.31
CA PRO A 587 2.28 8.15 14.26
C PRO A 587 2.58 6.93 15.07
N THR A 588 1.81 5.85 14.85
CA THR A 588 1.88 4.64 15.70
C THR A 588 2.75 3.58 15.07
N ALA A 589 3.04 2.53 15.84
CA ALA A 589 3.66 1.30 15.28
C ALA A 589 2.56 0.45 14.78
N TYR A 590 2.47 0.23 13.44
CA TYR A 590 1.40 -0.56 12.88
C TYR A 590 1.94 -1.65 11.96
N GLY A 591 1.24 -2.77 11.92
CA GLY A 591 1.60 -3.91 11.02
C GLY A 591 0.65 -4.02 9.81
N ALA A 592 -0.61 -3.62 9.96
CA ALA A 592 -1.60 -3.80 8.89
C ALA A 592 -1.34 -2.78 7.77
N ASN A 593 -1.88 -3.03 6.61
CA ASN A 593 -1.70 -2.11 5.47
C ASN A 593 -2.41 -0.79 5.81
N PRO A 594 -1.71 0.33 5.69
CA PRO A 594 -2.17 1.62 6.22
C PRO A 594 -3.13 2.44 5.45
N THR A 595 -3.39 2.13 4.20
CA THR A 595 -4.14 3.05 3.34
C THR A 595 -5.58 3.32 3.84
N LEU A 596 -6.30 2.30 4.31
CA LEU A 596 -7.71 2.51 4.76
C LEU A 596 -7.75 3.47 5.98
N THR A 597 -6.76 3.33 6.84
CA THR A 597 -6.58 4.21 7.96
C THR A 597 -6.21 5.66 7.50
N ALA A 598 -5.27 5.79 6.55
CA ALA A 598 -5.01 7.10 5.93
C ALA A 598 -6.25 7.67 5.34
N MET A 599 -7.07 6.87 4.69
CA MET A 599 -8.34 7.40 4.06
C MET A 599 -9.29 7.90 5.11
N SER A 600 -9.41 7.14 6.19
CA SER A 600 -10.26 7.51 7.34
C SER A 600 -9.83 8.86 7.94
N LEU A 601 -8.52 9.02 8.18
CA LEU A 601 -8.04 10.30 8.63
C LEU A 601 -8.40 11.44 7.64
N ALA A 602 -8.30 11.14 6.35
CA ALA A 602 -8.70 12.15 5.32
C ALA A 602 -10.13 12.50 5.38
N ILE A 603 -11.01 11.52 5.61
CA ILE A 603 -12.45 11.88 5.72
C ILE A 603 -12.66 12.89 6.87
N LYS A 604 -12.03 12.61 8.00
CA LYS A 604 -12.14 13.48 9.19
C LYS A 604 -11.58 14.87 8.92
N SER A 605 -10.46 14.92 8.19
CA SER A 605 -9.91 16.21 7.76
C SER A 605 -10.89 17.01 6.88
N CYS A 606 -11.53 16.30 5.94
CA CYS A 606 -12.49 16.96 5.09
C CYS A 606 -13.70 17.48 5.88
N GLU A 607 -14.15 16.81 6.93
CA GLU A 607 -15.20 17.36 7.86
C GLU A 607 -14.76 18.68 8.44
N TYR A 608 -13.50 18.81 8.86
CA TYR A 608 -12.99 20.04 9.35
C TYR A 608 -13.01 21.15 8.30
N ILE A 609 -12.64 20.81 7.07
CA ILE A 609 -12.65 21.81 6.01
C ILE A 609 -14.08 22.28 5.74
N LYS A 610 -15.01 21.35 5.73
CA LYS A 610 -16.40 21.67 5.44
C LYS A 610 -16.99 22.58 6.53
N GLN A 611 -16.48 22.42 7.74
CA GLN A 611 -16.92 23.18 8.92
C GLN A 611 -16.34 24.61 8.98
N ASN A 612 -15.28 24.89 8.25
CA ASN A 612 -14.51 26.09 8.45
C ASN A 612 -14.25 26.95 7.18
N PHE A 613 -14.58 26.44 5.98
CA PHE A 613 -14.32 27.15 4.73
C PHE A 613 -15.60 27.10 3.94
N THR A 614 -15.94 28.20 3.30
CA THR A 614 -17.18 28.29 2.50
C THR A 614 -16.84 28.19 1.04
N PRO A 615 -17.55 27.34 0.31
CA PRO A 615 -17.26 27.32 -1.13
C PRO A 615 -17.56 28.61 -1.82
N SER A 616 -16.88 28.87 -2.94
CA SER A 616 -17.23 30.09 -3.72
C SER A 616 -18.50 29.85 -4.47
N PRO A 617 -19.22 30.94 -4.85
CA PRO A 617 -20.44 30.69 -5.59
C PRO A 617 -20.12 30.16 -6.98
N PHE A 618 -20.99 29.28 -7.47
CA PHE A 618 -20.79 28.57 -8.76
C PHE A 618 -20.75 29.47 -10.01
PA FDA B . 0.27 7.72 -3.66
O1A FDA B . 1.74 7.46 -3.59
O2A FDA B . -0.67 6.63 -4.09
O5B FDA B . -0.06 8.90 -4.63
C5B FDA B . 0.61 10.13 -4.50
C4B FDA B . 0.74 10.89 -5.78
O4B FDA B . 1.24 12.20 -5.67
C3B FDA B . 1.17 10.24 -7.05
O3B FDA B . 0.25 9.92 -8.05
C2B FDA B . 2.26 11.12 -7.51
O2B FDA B . 2.69 11.09 -8.84
C1B FDA B . 2.13 12.41 -6.72
N9A FDA B . 3.20 13.42 -6.52
C8A FDA B . 4.31 13.09 -5.82
N7A FDA B . 5.04 14.20 -5.79
C5A FDA B . 4.31 15.21 -6.41
C6A FDA B . 4.61 16.54 -6.60
N6A FDA B . 5.73 17.10 -6.11
N1A FDA B . 3.71 17.29 -7.29
C2A FDA B . 2.50 16.81 -7.75
N3A FDA B . 2.21 15.47 -7.55
C4A FDA B . 3.13 14.72 -6.88
N1 FDA B . -1.66 -0.36 0.56
C2 FDA B . -2.68 -0.97 1.19
O2 FDA B . -3.25 -0.39 2.16
N3 FDA B . -3.01 -2.22 0.85
C4 FDA B . -2.53 -2.94 -0.22
O4 FDA B . -2.88 -4.11 -0.36
C4X FDA B . -1.22 -2.43 -0.73
N5 FDA B . -0.61 -3.05 -1.77
C5X FDA B . 0.55 -2.47 -2.20
C6 FDA B . 1.09 -3.10 -3.35
C7 FDA B . 2.06 -2.48 -4.12
C7M FDA B . 2.95 -3.33 -5.06
C8 FDA B . 2.23 -1.11 -3.99
C8M FDA B . 3.04 -0.30 -5.14
C9 FDA B . 1.43 -0.39 -3.10
C9A FDA B . 0.64 -1.05 -2.14
N10 FDA B . -0.05 -0.36 -1.10
C10 FDA B . -0.99 -1.03 -0.44
C1' FDA B . 0.18 1.05 -0.76
C2' FDA B . -0.85 2.03 -1.23
O2' FDA B . -0.92 1.90 -2.62
C3' FDA B . -0.39 3.36 -0.77
O3' FDA B . -0.39 3.37 0.64
C4' FDA B . -1.41 4.45 -1.24
O4' FDA B . -1.55 4.48 -2.63
C5' FDA B . -0.92 5.84 -0.77
O5' FDA B . -1.93 6.77 -1.19
P FDA B . -1.51 8.31 -1.43
O1P FDA B . -2.65 8.98 -2.14
O2P FDA B . -1.09 8.84 -0.04
O3P FDA B . -0.10 8.30 -2.21
C1 GAF C . 1.41 -7.10 -0.40
C2 GAF C . 0.72 -5.99 0.49
F2 GAF C . -0.62 -6.16 0.38
C3 GAF C . 1.06 -4.59 0.05
O3 GAF C . 0.44 -3.67 0.89
C4 GAF C . 2.52 -4.31 -0.14
O4 GAF C . 3.17 -4.35 1.12
C5 GAF C . 3.13 -5.44 -1.02
O5 GAF C . 2.83 -6.79 -0.50
C6 GAF C . 4.61 -5.13 -1.13
O6 GAF C . 5.34 -6.24 -1.67
O1 GAF C . 0.81 -7.01 -1.72
C1 2FG D . 15.53 -14.46 21.99
O1 2FG D . 16.44 -14.03 22.96
C2 2FG D . 14.60 -15.66 22.26
F2 2FG D . 15.26 -16.61 22.98
C3 2FG D . 13.93 -16.21 20.99
O3 2FG D . 12.89 -17.05 21.41
C4 2FG D . 13.41 -15.11 20.06
O4 2FG D . 12.34 -14.38 20.72
C5 2FG D . 14.60 -14.15 19.76
O5 2FG D . 15.16 -13.57 20.97
C6 2FG D . 14.35 -12.96 18.80
O6 2FG D . 15.65 -12.37 18.57
O1 MES E . 34.48 -2.31 -10.65
C2 MES E . 35.67 -1.79 -11.28
C3 MES E . 35.58 -0.26 -11.11
N4 MES E . 34.30 0.36 -11.66
C5 MES E . 33.09 -0.35 -11.13
C6 MES E . 33.28 -1.85 -11.28
C7 MES E . 34.29 1.81 -11.40
C8 MES E . 33.04 2.50 -11.97
S MES E . 33.02 2.66 -13.66
O1S MES E . 34.36 3.30 -13.96
O2S MES E . 32.93 1.23 -14.06
O3S MES E . 31.86 3.44 -14.09
#